data_5Y1G
#
_entry.id   5Y1G
#
_cell.length_a   112.635
_cell.length_b   49.265
_cell.length_c   55.638
_cell.angle_alpha   90.00
_cell.angle_beta   105.32
_cell.angle_gamma   90.00
#
_symmetry.space_group_name_H-M   'C 1 2 1'
#
loop_
_entity.id
_entity.type
_entity.pdbx_description
1 polymer 'NAD dependent epimerase/dehydratase family'
2 non-polymer '2-AMINO-3-KETOBUTYRIC ACID'
3 non-polymer NICOTINAMIDE-ADENINE-DINUCLEOTIDE
4 water water
#
_entity_poly.entity_id   1
_entity_poly.type   'polypeptide(L)'
_entity_poly.pdbx_seq_one_letter_code
;MGSSHHHHHHSSGLVPRGSHMILVTGALGQIGTELVLALQEKYGNDKIIASDLKEPENYHCKFEKCDIRDIETYERINNE
NKIEIVYHLAAILSAAGEKNPELCHDVNYNGLENVLKTAKKYNQKLFCPSSIAVFGPDVPKEMTPQNVELNPKTVYGITK
VKGEELCDTYFKEHGIDVRGIRYPGLISWKHKPSGGTTDYAVEMYFDAVESGKYECFVNRNTRLPMMFMDDAIRATLELM
DAPLDSLNYHSNYNLSSMSFSAEELEKEISAHVDFNCLYKPDYRQDIADTWPISINDDDARKDWGWEPKFDISKMTEEMI
TNLRRLNE
;
_entity_poly.pdbx_strand_id   A
#
# COMPACT_ATOMS: atom_id res chain seq x y z
N SER A 19 -6.99 8.71 21.36
CA SER A 19 -6.77 9.95 22.17
C SER A 19 -5.85 10.97 21.47
N HIS A 20 -5.98 11.09 20.15
CA HIS A 20 -5.03 11.82 19.31
C HIS A 20 -5.74 12.19 18.00
N MET A 21 -5.46 13.35 17.49
CA MET A 21 -5.95 13.69 16.14
C MET A 21 -5.04 13.03 15.09
N ILE A 22 -5.70 12.47 14.09
CA ILE A 22 -5.03 11.69 13.04
C ILE A 22 -5.33 12.28 11.70
N LEU A 23 -4.29 12.42 10.90
CA LEU A 23 -4.42 12.82 9.48
C LEU A 23 -4.10 11.63 8.58
N VAL A 24 -4.84 11.46 7.50
CA VAL A 24 -4.54 10.47 6.49
C VAL A 24 -4.26 11.24 5.21
N THR A 25 -3.05 11.17 4.67
CA THR A 25 -2.78 11.70 3.34
C THR A 25 -3.05 10.58 2.32
N GLY A 26 -3.27 10.96 1.08
CA GLY A 26 -3.63 9.98 0.07
C GLY A 26 -4.93 9.30 0.39
N ALA A 27 -5.83 9.98 1.09
CA ALA A 27 -6.98 9.35 1.68
C ALA A 27 -7.98 8.75 0.69
N LEU A 28 -8.00 9.23 -0.54
CA LEU A 28 -9.01 8.81 -1.49
C LEU A 28 -8.55 7.64 -2.34
N GLY A 29 -7.38 7.08 -2.09
CA GLY A 29 -6.82 6.03 -2.93
C GLY A 29 -7.27 4.65 -2.47
N GLN A 30 -6.59 3.64 -3.02
CA GLN A 30 -7.00 2.26 -2.78
C GLN A 30 -6.97 1.90 -1.31
N ILE A 31 -5.86 2.20 -0.66
CA ILE A 31 -5.75 1.91 0.79
C ILE A 31 -6.60 2.90 1.60
N GLY A 32 -6.49 4.18 1.28
CA GLY A 32 -7.13 5.23 2.08
C GLY A 32 -8.63 5.09 2.14
N THR A 33 -9.25 4.64 1.06
CA THR A 33 -10.70 4.43 1.04
C THR A 33 -11.12 3.54 2.19
N GLU A 34 -10.33 2.54 2.49
CA GLU A 34 -10.62 1.59 3.56
C GLU A 34 -10.04 2.04 4.89
N LEU A 35 -8.86 2.62 4.88
CA LEU A 35 -8.22 3.00 6.11
C LEU A 35 -8.95 4.13 6.86
N VAL A 36 -9.42 5.13 6.13
CA VAL A 36 -10.14 6.24 6.76
C VAL A 36 -11.36 5.70 7.54
N LEU A 37 -12.14 4.83 6.92
CA LEU A 37 -13.29 4.28 7.62
C LEU A 37 -12.84 3.47 8.83
N ALA A 38 -11.79 2.68 8.73
CA ALA A 38 -11.33 1.88 9.85
C ALA A 38 -10.90 2.77 11.00
N LEU A 39 -10.25 3.87 10.69
CA LEU A 39 -9.79 4.83 11.70
C LEU A 39 -10.96 5.58 12.32
N GLN A 40 -11.94 5.99 11.52
CA GLN A 40 -13.14 6.67 12.09
C GLN A 40 -13.82 5.76 13.11
N GLU A 41 -13.93 4.50 12.77
CA GLU A 41 -14.63 3.56 13.63
C GLU A 41 -13.80 3.32 14.89
N LYS A 42 -12.50 3.14 14.75
CA LYS A 42 -11.65 2.84 15.91
C LYS A 42 -11.57 4.01 16.87
N TYR A 43 -11.44 5.22 16.37
CA TYR A 43 -11.08 6.40 17.20
C TYR A 43 -12.17 7.45 17.32
N GLY A 44 -13.16 7.37 16.45
CA GLY A 44 -14.21 8.40 16.37
C GLY A 44 -14.00 9.30 15.16
N ASN A 45 -15.11 9.79 14.63
CA ASN A 45 -15.08 10.74 13.54
C ASN A 45 -14.49 12.07 13.91
N ASP A 46 -14.53 12.45 15.18
CA ASP A 46 -13.95 13.69 15.62
C ASP A 46 -12.42 13.69 15.67
N LYS A 47 -11.82 12.52 15.44
CA LYS A 47 -10.36 12.41 15.50
C LYS A 47 -9.69 12.26 14.16
N ILE A 48 -10.44 12.15 13.07
CA ILE A 48 -9.85 11.80 11.77
C ILE A 48 -10.02 12.94 10.77
N ILE A 49 -8.94 13.34 10.10
CA ILE A 49 -8.96 14.28 9.04
C ILE A 49 -8.39 13.55 7.82
N ALA A 50 -9.06 13.63 6.69
CA ALA A 50 -8.60 13.09 5.43
C ALA A 50 -8.07 14.16 4.54
N SER A 51 -7.06 13.84 3.74
CA SER A 51 -6.50 14.79 2.80
C SER A 51 -6.13 14.09 1.51
N ASP A 52 -6.27 14.80 0.40
CA ASP A 52 -5.87 14.36 -0.93
C ASP A 52 -5.85 15.59 -1.83
N LEU A 53 -5.61 15.44 -3.12
CA LEU A 53 -5.48 16.59 -4.02
C LEU A 53 -6.76 17.37 -4.25
N LYS A 54 -7.88 16.68 -4.36
CA LYS A 54 -9.15 17.31 -4.74
C LYS A 54 -10.22 16.89 -3.81
N GLU A 55 -11.08 17.83 -3.44
CA GLU A 55 -12.15 17.53 -2.52
C GLU A 55 -13.22 16.76 -3.22
N PRO A 56 -13.62 15.60 -2.66
CA PRO A 56 -14.64 14.72 -3.12
C PRO A 56 -16.04 15.28 -2.80
N GLU A 57 -17.01 15.06 -3.68
CA GLU A 57 -18.41 15.22 -3.30
C GLU A 57 -18.87 14.01 -2.47
N ASN A 58 -19.87 14.21 -1.62
CA ASN A 58 -20.53 13.09 -0.95
C ASN A 58 -19.54 12.26 -0.10
N TYR A 59 -18.92 12.94 0.83
CA TYR A 59 -17.84 12.32 1.59
C TYR A 59 -18.03 12.68 3.06
N HIS A 60 -18.06 11.67 3.93
CA HIS A 60 -18.41 11.89 5.34
C HIS A 60 -17.28 12.46 6.18
N CYS A 61 -16.08 11.89 6.07
CA CYS A 61 -14.95 12.37 6.90
C CYS A 61 -14.59 13.81 6.57
N LYS A 62 -14.23 14.58 7.60
CA LYS A 62 -13.71 15.87 7.36
C LYS A 62 -12.50 15.78 6.42
N PHE A 63 -12.38 16.74 5.52
CA PHE A 63 -11.45 16.67 4.42
C PHE A 63 -10.76 18.00 4.21
N GLU A 64 -9.44 17.98 4.07
CA GLU A 64 -8.65 19.15 3.69
C GLU A 64 -7.83 18.86 2.47
N LYS A 65 -7.98 19.61 1.40
CA LYS A 65 -7.21 19.41 0.20
C LYS A 65 -5.79 19.89 0.37
N CYS A 66 -4.84 19.17 -0.21
CA CYS A 66 -3.47 19.56 -0.18
C CYS A 66 -2.66 18.81 -1.21
N ASP A 67 -1.71 19.46 -1.86
CA ASP A 67 -0.60 18.80 -2.55
C ASP A 67 0.49 18.53 -1.54
N ILE A 68 0.86 17.26 -1.42
CA ILE A 68 1.86 16.85 -0.45
C ILE A 68 3.20 17.54 -0.64
N ARG A 69 3.43 18.14 -1.82
CA ARG A 69 4.64 18.90 -2.07
C ARG A 69 4.56 20.34 -1.57
N ASP A 70 3.38 20.79 -1.18
CA ASP A 70 3.14 22.17 -0.70
C ASP A 70 3.25 22.19 0.81
N ILE A 71 4.47 22.50 1.26
CA ILE A 71 4.78 22.41 2.68
C ILE A 71 4.00 23.40 3.53
N GLU A 72 3.74 24.58 2.96
CA GLU A 72 3.04 25.58 3.68
C GLU A 72 1.59 25.17 3.97
N THR A 73 0.88 24.67 2.96
CA THR A 73 -0.46 24.20 3.21
C THR A 73 -0.51 22.93 4.08
N TYR A 74 0.44 22.03 3.83
CA TYR A 74 0.47 20.82 4.62
C TYR A 74 0.68 21.12 6.11
N GLU A 75 1.63 22.00 6.39
CA GLU A 75 1.86 22.39 7.77
C GLU A 75 0.64 23.01 8.40
N ARG A 76 -0.04 23.88 7.63
CA ARG A 76 -1.23 24.55 8.13
C ARG A 76 -2.32 23.55 8.53
N ILE A 77 -2.56 22.55 7.67
CA ILE A 77 -3.54 21.54 8.00
C ILE A 77 -3.15 20.83 9.30
N ASN A 78 -1.87 20.49 9.42
CA ASN A 78 -1.42 19.83 10.62
C ASN A 78 -1.59 20.66 11.90
N ASN A 79 -1.20 21.92 11.82
CA ASN A 79 -1.24 22.70 13.06
C ASN A 79 -2.63 23.20 13.37
N GLU A 80 -3.46 23.45 12.35
CA GLU A 80 -4.84 23.94 12.62
C GLU A 80 -5.71 22.85 13.14
N ASN A 81 -5.40 21.60 12.80
CA ASN A 81 -6.15 20.45 13.32
C ASN A 81 -5.45 19.68 14.49
N LYS A 82 -4.33 20.23 14.96
CA LYS A 82 -3.57 19.65 16.06
C LYS A 82 -3.25 18.17 15.86
N ILE A 83 -2.82 17.86 14.65
CA ILE A 83 -2.52 16.50 14.23
C ILE A 83 -1.33 15.95 15.04
N GLU A 84 -1.53 14.77 15.60
CA GLU A 84 -0.50 14.06 16.35
C GLU A 84 -0.01 12.80 15.69
N ILE A 85 -0.78 12.23 14.76
CA ILE A 85 -0.42 10.98 14.07
C ILE A 85 -0.80 11.18 12.60
N VAL A 86 0.11 10.78 11.71
CA VAL A 86 -0.16 10.85 10.27
C VAL A 86 0.00 9.47 9.68
N TYR A 87 -1.04 9.04 8.96
CA TYR A 87 -0.94 7.87 8.06
C TYR A 87 -0.73 8.40 6.66
N HIS A 88 0.50 8.26 6.18
CA HIS A 88 0.92 8.93 4.95
C HIS A 88 0.83 7.99 3.76
N LEU A 89 -0.29 8.07 3.01
CA LEU A 89 -0.49 7.18 1.87
C LEU A 89 -0.26 7.85 0.56
N ALA A 90 -0.08 9.17 0.48
CA ALA A 90 0.10 9.85 -0.80
C ALA A 90 1.32 9.33 -1.55
N ALA A 91 1.16 9.03 -2.81
CA ALA A 91 2.25 8.52 -3.63
C ALA A 91 1.84 8.45 -5.08
N ILE A 92 2.83 8.28 -5.92
CA ILE A 92 2.69 7.84 -7.30
C ILE A 92 3.22 6.39 -7.32
N LEU A 93 2.47 5.52 -7.98
CA LEU A 93 2.74 4.07 -7.92
C LEU A 93 3.63 3.62 -9.06
N SER A 94 3.90 2.32 -9.13
CA SER A 94 5.03 1.83 -9.91
C SER A 94 4.90 2.05 -11.40
N ALA A 95 3.72 1.86 -11.97
CA ALA A 95 3.57 1.98 -13.43
C ALA A 95 3.49 3.43 -13.86
N ALA A 96 2.66 4.21 -13.17
CA ALA A 96 2.58 5.64 -13.44
C ALA A 96 3.93 6.27 -13.21
N GLY A 97 4.68 5.79 -12.23
CA GLY A 97 5.98 6.33 -11.94
C GLY A 97 7.04 5.97 -12.94
N GLU A 98 6.98 4.78 -13.53
CA GLU A 98 7.96 4.42 -14.53
C GLU A 98 7.75 5.30 -15.76
N LYS A 99 6.51 5.68 -16.04
CA LYS A 99 6.18 6.52 -17.20
C LYS A 99 6.45 7.97 -16.94
N ASN A 100 6.45 8.43 -15.69
CA ASN A 100 6.78 9.80 -15.33
C ASN A 100 7.72 9.82 -14.14
N PRO A 101 9.00 9.62 -14.41
CA PRO A 101 9.94 9.46 -13.32
C PRO A 101 10.16 10.69 -12.48
N GLU A 102 10.08 11.89 -13.08
CA GLU A 102 10.30 13.10 -12.33
C GLU A 102 9.15 13.34 -11.37
N LEU A 103 7.93 13.10 -11.82
CA LEU A 103 6.76 13.24 -10.96
C LEU A 103 6.86 12.23 -9.79
N CYS A 104 7.24 11.01 -10.12
CA CYS A 104 7.34 9.96 -9.11
C CYS A 104 8.30 10.36 -7.99
N HIS A 105 9.51 10.79 -8.36
CA HIS A 105 10.44 11.26 -7.37
C HIS A 105 9.88 12.43 -6.56
N ASP A 106 9.34 13.41 -7.26
CA ASP A 106 8.91 14.64 -6.62
C ASP A 106 7.85 14.32 -5.58
N VAL A 107 6.81 13.61 -5.99
CA VAL A 107 5.72 13.31 -5.05
C VAL A 107 6.22 12.40 -3.95
N ASN A 108 6.89 11.32 -4.30
CA ASN A 108 7.19 10.29 -3.29
C ASN A 108 8.27 10.76 -2.37
N TYR A 109 9.36 11.29 -2.91
CA TYR A 109 10.48 11.67 -2.03
C TYR A 109 10.26 13.04 -1.41
N ASN A 110 9.92 14.07 -2.21
CA ASN A 110 9.75 15.38 -1.57
C ASN A 110 8.50 15.43 -0.69
N GLY A 111 7.45 14.71 -1.08
CA GLY A 111 6.30 14.60 -0.24
C GLY A 111 6.61 13.95 1.09
N LEU A 112 7.33 12.82 1.06
CA LEU A 112 7.75 12.16 2.30
C LEU A 112 8.62 13.08 3.15
N GLU A 113 9.56 13.77 2.50
CA GLU A 113 10.41 14.67 3.30
C GLU A 113 9.59 15.76 3.99
N ASN A 114 8.57 16.26 3.31
CA ASN A 114 7.68 17.24 3.94
C ASN A 114 6.94 16.64 5.14
N VAL A 115 6.50 15.39 5.00
CA VAL A 115 5.83 14.73 6.09
C VAL A 115 6.77 14.54 7.32
N LEU A 116 7.97 14.09 7.04
CA LEU A 116 8.96 13.86 8.09
C LEU A 116 9.37 15.18 8.77
N LYS A 117 9.68 16.21 7.97
CA LYS A 117 10.05 17.52 8.55
C LYS A 117 8.96 18.01 9.46
N THR A 118 7.70 17.86 9.04
CA THR A 118 6.55 18.30 9.83
C THR A 118 6.42 17.49 11.09
N ALA A 119 6.62 16.17 11.00
CA ALA A 119 6.56 15.33 12.17
C ALA A 119 7.61 15.72 13.21
N LYS A 120 8.78 16.10 12.74
CA LYS A 120 9.83 16.54 13.66
C LYS A 120 9.42 17.85 14.35
N LYS A 121 8.83 18.77 13.61
CA LYS A 121 8.39 20.06 14.22
C LYS A 121 7.35 19.85 15.26
N TYR A 122 6.38 18.97 14.96
CA TYR A 122 5.19 18.81 15.79
C TYR A 122 5.17 17.56 16.64
N ASN A 123 6.30 16.83 16.70
CA ASN A 123 6.42 15.67 17.55
C ASN A 123 5.35 14.61 17.24
N GLN A 124 5.21 14.30 15.95
CA GLN A 124 4.13 13.37 15.51
C GLN A 124 4.64 11.93 15.44
N LYS A 125 3.72 10.99 15.52
CA LYS A 125 3.95 9.59 15.14
C LYS A 125 3.44 9.40 13.72
N LEU A 126 4.08 8.50 12.98
CA LEU A 126 3.88 8.35 11.54
C LEU A 126 3.73 6.92 11.14
N PHE A 127 2.92 6.71 10.11
CA PHE A 127 2.93 5.47 9.32
C PHE A 127 3.27 5.83 7.89
N CYS A 128 4.41 5.37 7.38
CA CYS A 128 4.90 5.70 6.03
C CYS A 128 5.23 4.39 5.33
N PRO A 129 4.35 3.92 4.46
CA PRO A 129 4.60 2.61 3.87
C PRO A 129 5.62 2.61 2.80
N SER A 130 6.23 1.44 2.68
CA SER A 130 7.16 1.12 1.60
C SER A 130 6.47 0.14 0.66
N SER A 131 7.23 -0.72 0.00
CA SER A 131 6.73 -1.64 -1.00
C SER A 131 7.71 -2.77 -1.21
N ILE A 132 7.19 -3.92 -1.66
CA ILE A 132 8.06 -4.97 -2.15
C ILE A 132 8.89 -4.50 -3.36
N ALA A 133 8.56 -3.36 -3.98
CA ALA A 133 9.36 -2.81 -5.07
C ALA A 133 10.75 -2.35 -4.64
N VAL A 134 11.08 -2.35 -3.34
CA VAL A 134 12.45 -2.09 -2.95
C VAL A 134 13.43 -3.13 -3.46
N PHE A 135 12.95 -4.33 -3.71
CA PHE A 135 13.82 -5.43 -4.08
C PHE A 135 14.09 -5.50 -5.57
N GLY A 136 15.30 -5.92 -5.89
CA GLY A 136 15.64 -6.23 -7.29
C GLY A 136 16.06 -7.66 -7.48
N PRO A 137 16.47 -8.05 -8.71
CA PRO A 137 16.75 -9.45 -9.01
C PRO A 137 18.07 -9.96 -8.52
N ASP A 138 18.84 -9.15 -7.82
CA ASP A 138 20.12 -9.55 -7.22
C ASP A 138 19.95 -10.21 -5.90
N VAL A 139 18.76 -10.21 -5.34
CA VAL A 139 18.49 -10.86 -4.06
C VAL A 139 17.48 -11.99 -4.29
N PRO A 140 17.30 -12.86 -3.31
CA PRO A 140 16.47 -14.02 -3.54
C PRO A 140 15.07 -13.66 -3.96
N LYS A 141 14.53 -14.38 -4.93
CA LYS A 141 13.16 -14.13 -5.35
C LYS A 141 12.18 -14.86 -4.43
N GLU A 142 12.59 -15.97 -3.82
CA GLU A 142 11.72 -16.70 -2.92
C GLU A 142 12.05 -16.37 -1.48
N MET A 143 11.03 -16.06 -0.70
CA MET A 143 11.21 -15.76 0.72
C MET A 143 12.28 -14.73 0.99
N THR A 144 12.18 -13.62 0.24
CA THR A 144 13.20 -12.59 0.35
C THR A 144 13.37 -12.19 1.81
N PRO A 145 14.62 -12.19 2.34
CA PRO A 145 14.84 -11.77 3.70
C PRO A 145 14.65 -10.28 3.94
N GLN A 146 14.47 -9.92 5.19
CA GLN A 146 14.30 -8.54 5.63
C GLN A 146 15.48 -7.65 5.28
N ASN A 147 16.69 -8.14 5.43
CA ASN A 147 17.91 -7.34 5.36
C ASN A 147 18.79 -7.43 4.18
N VAL A 148 18.27 -7.80 3.09
CA VAL A 148 19.11 -7.92 1.89
C VAL A 148 19.33 -6.54 1.29
N GLU A 149 20.32 -6.45 0.44
CA GLU A 149 20.57 -5.20 -0.27
C GLU A 149 19.41 -4.79 -1.14
N LEU A 150 19.19 -3.50 -1.26
CA LEU A 150 18.03 -2.98 -2.01
C LEU A 150 18.53 -2.26 -3.24
N ASN A 151 18.42 -2.97 -4.35
CA ASN A 151 18.85 -2.48 -5.65
C ASN A 151 17.73 -2.57 -6.66
N PRO A 152 16.68 -1.81 -6.42
CA PRO A 152 15.50 -1.92 -7.29
C PRO A 152 15.81 -1.46 -8.71
N LYS A 153 15.06 -2.03 -9.64
CA LYS A 153 15.21 -1.76 -11.06
C LYS A 153 14.04 -0.95 -11.58
N THR A 154 13.35 -0.27 -10.70
CA THR A 154 12.25 0.63 -11.14
C THR A 154 12.42 1.98 -10.48
N VAL A 155 11.89 3.01 -11.13
CA VAL A 155 11.91 4.31 -10.60
C VAL A 155 11.21 4.42 -9.21
N TYR A 156 10.05 3.81 -9.15
CA TYR A 156 9.26 3.81 -7.91
C TYR A 156 10.02 3.05 -6.79
N GLY A 157 10.61 1.92 -7.14
CA GLY A 157 11.36 1.19 -6.12
C GLY A 157 12.51 2.02 -5.54
N ILE A 158 13.20 2.78 -6.40
CA ILE A 158 14.24 3.63 -5.91
C ILE A 158 13.67 4.69 -4.94
N THR A 159 12.52 5.27 -5.26
CA THR A 159 11.89 6.26 -4.33
C THR A 159 11.61 5.60 -2.99
N LYS A 160 11.16 4.34 -3.03
CA LYS A 160 10.82 3.69 -1.76
C LYS A 160 12.05 3.32 -0.92
N VAL A 161 13.15 2.97 -1.56
CA VAL A 161 14.41 2.76 -0.83
C VAL A 161 14.91 4.05 -0.18
N LYS A 162 14.90 5.14 -0.96
CA LYS A 162 15.27 6.42 -0.40
C LYS A 162 14.36 6.81 0.74
N GLY A 163 13.07 6.50 0.61
CA GLY A 163 12.15 6.77 1.66
C GLY A 163 12.35 5.98 2.93
N GLU A 164 12.63 4.69 2.77
CA GLU A 164 12.98 3.90 3.96
C GLU A 164 14.17 4.50 4.71
N GLU A 165 15.19 4.86 3.95
CA GLU A 165 16.39 5.38 4.59
C GLU A 165 16.10 6.73 5.22
N LEU A 166 15.31 7.59 4.60
CA LEU A 166 14.97 8.86 5.22
C LEU A 166 14.17 8.64 6.49
N CYS A 167 13.17 7.74 6.44
CA CYS A 167 12.42 7.45 7.63
C CYS A 167 13.30 6.95 8.75
N ASP A 168 14.20 6.03 8.45
CA ASP A 168 15.03 5.48 9.52
C ASP A 168 16.01 6.51 10.07
N THR A 169 16.45 7.48 9.28
CA THR A 169 17.19 8.65 9.80
C THR A 169 16.33 9.44 10.76
N TYR A 170 15.07 9.71 10.42
CA TYR A 170 14.25 10.43 11.33
C TYR A 170 14.00 9.70 12.63
N PHE A 171 13.88 8.38 12.58
CA PHE A 171 13.79 7.63 13.80
C PHE A 171 15.09 7.74 14.64
N LYS A 172 16.22 7.41 14.04
CA LYS A 172 17.49 7.31 14.80
C LYS A 172 18.02 8.67 15.22
N GLU A 173 18.09 9.58 14.28
CA GLU A 173 18.67 10.91 14.55
C GLU A 173 17.69 11.76 15.30
N HIS A 174 16.41 11.77 14.88
CA HIS A 174 15.46 12.80 15.32
C HIS A 174 14.46 12.24 16.32
N GLY A 175 14.50 10.94 16.60
CA GLY A 175 13.60 10.36 17.58
C GLY A 175 12.14 10.26 17.16
N ILE A 176 11.86 10.32 15.86
CA ILE A 176 10.48 10.28 15.40
C ILE A 176 10.06 8.83 15.27
N ASP A 177 8.93 8.54 15.90
CA ASP A 177 8.35 7.19 15.85
C ASP A 177 7.59 7.01 14.54
N VAL A 178 8.35 6.64 13.51
CA VAL A 178 7.84 6.34 12.18
C VAL A 178 7.89 4.85 11.95
N ARG A 179 6.77 4.29 11.49
CA ARG A 179 6.62 2.87 11.24
C ARG A 179 6.12 2.69 9.84
N GLY A 180 6.44 1.56 9.23
CA GLY A 180 6.04 1.30 7.85
C GLY A 180 6.14 -0.19 7.55
N ILE A 181 5.45 -0.55 6.46
CA ILE A 181 5.32 -1.92 5.97
C ILE A 181 5.66 -1.89 4.49
N ARG A 182 6.48 -2.83 4.05
CA ARG A 182 6.67 -3.15 2.61
C ARG A 182 5.46 -3.87 2.09
N TYR A 183 4.38 -3.18 1.76
CA TYR A 183 3.21 -3.94 1.37
C TYR A 183 3.52 -4.75 0.12
N PRO A 184 2.97 -5.96 0.06
CA PRO A 184 2.82 -6.66 -1.20
C PRO A 184 1.74 -6.06 -2.05
N GLY A 185 1.49 -6.63 -3.22
CA GLY A 185 0.34 -6.18 -4.03
C GLY A 185 -0.96 -6.31 -3.23
N LEU A 186 -1.78 -5.29 -3.22
CA LEU A 186 -3.00 -5.28 -2.45
C LEU A 186 -4.20 -5.41 -3.35
N ILE A 187 -5.15 -6.24 -2.90
CA ILE A 187 -6.36 -6.56 -3.66
C ILE A 187 -7.56 -6.09 -2.83
N SER A 188 -8.45 -5.35 -3.47
CA SER A 188 -9.67 -4.83 -2.86
C SER A 188 -10.74 -4.69 -3.90
N TRP A 189 -11.96 -4.50 -3.44
CA TRP A 189 -13.10 -4.19 -4.34
C TRP A 189 -13.62 -2.80 -4.15
N LYS A 190 -13.35 -2.14 -3.06
CA LYS A 190 -13.97 -0.85 -2.83
C LYS A 190 -13.47 0.27 -3.71
N HIS A 191 -12.22 0.19 -4.13
CA HIS A 191 -11.59 1.23 -4.94
C HIS A 191 -10.62 0.57 -5.87
N LYS A 192 -11.00 0.45 -7.13
CA LYS A 192 -10.19 -0.19 -8.14
C LYS A 192 -8.93 0.66 -8.38
N PRO A 193 -7.74 0.03 -8.30
CA PRO A 193 -6.49 0.76 -8.52
C PRO A 193 -6.30 1.14 -9.99
N SER A 194 -5.45 2.14 -10.26
CA SER A 194 -5.17 2.57 -11.64
C SER A 194 -3.77 3.01 -12.07
N GLY A 195 -2.79 2.96 -11.21
CA GLY A 195 -1.38 3.42 -11.45
C GLY A 195 -0.29 2.41 -11.15
N GLY A 196 -0.66 1.21 -10.73
CA GLY A 196 0.30 0.22 -10.31
C GLY A 196 0.53 -0.89 -11.33
N THR A 197 1.18 -1.91 -10.81
CA THR A 197 1.62 -3.11 -11.58
C THR A 197 0.92 -4.37 -11.10
N THR A 198 0.64 -4.48 -9.80
CA THR A 198 -0.10 -5.58 -9.26
C THR A 198 -1.59 -5.45 -9.51
N ASP A 199 -2.01 -4.34 -10.13
CA ASP A 199 -3.41 -3.99 -10.41
C ASP A 199 -4.11 -5.07 -11.20
N TYR A 200 -3.38 -5.87 -11.98
CA TYR A 200 -4.02 -6.92 -12.77
C TYR A 200 -4.87 -7.83 -11.93
N ALA A 201 -4.47 -8.08 -10.69
CA ALA A 201 -5.20 -9.03 -9.87
C ALA A 201 -6.60 -8.46 -9.58
N VAL A 202 -6.69 -7.17 -9.24
CA VAL A 202 -7.99 -6.53 -9.03
C VAL A 202 -8.80 -6.51 -10.30
N GLU A 203 -8.15 -6.08 -11.36
CA GLU A 203 -8.84 -5.93 -12.62
C GLU A 203 -9.42 -7.26 -13.06
N MET A 204 -8.70 -8.34 -12.83
CA MET A 204 -9.16 -9.65 -13.26
C MET A 204 -10.46 -9.99 -12.53
N TYR A 205 -10.54 -9.76 -11.22
CA TYR A 205 -11.80 -9.95 -10.51
C TYR A 205 -12.92 -9.13 -11.12
N PHE A 206 -12.71 -7.84 -11.25
CA PHE A 206 -13.75 -6.92 -11.72
C PHE A 206 -14.27 -7.38 -13.06
N ASP A 207 -13.37 -7.64 -14.00
CA ASP A 207 -13.83 -7.99 -15.37
C ASP A 207 -14.38 -9.40 -15.42
N ALA A 208 -13.88 -10.34 -14.64
CA ALA A 208 -14.47 -11.65 -14.61
C ALA A 208 -15.95 -11.56 -14.25
N VAL A 209 -16.27 -10.80 -13.21
CA VAL A 209 -17.66 -10.72 -12.75
C VAL A 209 -18.48 -9.87 -13.70
N GLU A 210 -17.97 -8.76 -14.19
CA GLU A 210 -18.74 -7.87 -15.06
C GLU A 210 -18.98 -8.38 -16.49
N SER A 211 -18.19 -9.35 -16.97
CA SER A 211 -18.22 -9.75 -18.41
C SER A 211 -17.79 -11.16 -18.71
N GLY A 212 -17.11 -11.82 -17.78
CA GLY A 212 -16.64 -13.15 -17.98
C GLY A 212 -15.36 -13.20 -18.81
N LYS A 213 -14.79 -12.04 -19.10
CA LYS A 213 -13.53 -11.97 -19.88
C LYS A 213 -12.59 -10.93 -19.28
N TYR A 214 -11.30 -11.13 -19.50
CA TYR A 214 -10.26 -10.17 -19.09
C TYR A 214 -9.06 -10.28 -20.01
N GLU A 215 -8.45 -9.15 -20.29
CA GLU A 215 -7.13 -9.12 -20.98
C GLU A 215 -6.10 -8.66 -19.96
N CYS A 216 -5.25 -9.59 -19.56
CA CYS A 216 -4.25 -9.42 -18.51
C CYS A 216 -2.98 -8.79 -19.08
N PHE A 217 -2.45 -7.77 -18.43
CA PHE A 217 -1.27 -7.06 -18.91
C PHE A 217 0.08 -7.60 -18.46
N VAL A 218 0.05 -8.71 -17.73
CA VAL A 218 1.23 -9.50 -17.45
C VAL A 218 1.03 -10.92 -17.95
N ASN A 219 2.14 -11.66 -18.15
CA ASN A 219 2.03 -13.01 -18.65
C ASN A 219 1.46 -13.95 -17.61
N ARG A 220 1.02 -15.11 -18.03
CA ARG A 220 0.26 -15.97 -17.17
C ARG A 220 1.05 -16.52 -15.98
N ASN A 221 2.36 -16.52 -16.07
CA ASN A 221 3.23 -17.04 -15.02
C ASN A 221 3.70 -16.00 -14.04
N THR A 222 3.33 -14.75 -14.24
CA THR A 222 3.77 -13.67 -13.35
C THR A 222 3.29 -13.96 -11.94
N ARG A 223 4.26 -14.01 -11.03
CA ARG A 223 4.05 -14.52 -9.69
C ARG A 223 4.62 -13.49 -8.72
N LEU A 224 3.75 -12.95 -7.87
CA LEU A 224 4.10 -11.84 -6.97
C LEU A 224 3.46 -12.05 -5.59
N PRO A 225 4.05 -11.43 -4.57
CA PRO A 225 3.43 -11.41 -3.26
C PRO A 225 2.18 -10.55 -3.29
N MET A 226 1.10 -11.11 -2.74
CA MET A 226 -0.23 -10.44 -2.75
C MET A 226 -0.89 -10.57 -1.39
N MET A 227 -1.79 -9.66 -1.10
CA MET A 227 -2.49 -9.62 0.17
C MET A 227 -3.85 -8.98 -0.06
N PHE A 228 -4.87 -9.54 0.62
CA PHE A 228 -6.18 -8.92 0.64
C PHE A 228 -6.19 -7.68 1.50
N MET A 229 -6.92 -6.65 1.06
CA MET A 229 -6.93 -5.39 1.79
C MET A 229 -7.28 -5.48 3.27
N ASP A 230 -8.21 -6.37 3.67
CA ASP A 230 -8.52 -6.40 5.10
C ASP A 230 -7.29 -6.76 5.90
N ASP A 231 -6.46 -7.69 5.39
CA ASP A 231 -5.23 -8.04 6.06
C ASP A 231 -4.24 -6.87 6.10
N ALA A 232 -4.11 -6.12 5.00
CA ALA A 232 -3.18 -5.01 4.97
C ALA A 232 -3.61 -3.91 5.95
N ILE A 233 -4.90 -3.60 5.99
CA ILE A 233 -5.41 -2.58 6.92
C ILE A 233 -5.18 -3.03 8.39
N ARG A 234 -5.54 -4.27 8.68
CA ARG A 234 -5.33 -4.77 10.04
C ARG A 234 -3.85 -4.75 10.42
N ALA A 235 -2.96 -5.16 9.51
CA ALA A 235 -1.53 -5.12 9.78
C ALA A 235 -1.08 -3.73 10.12
N THR A 236 -1.59 -2.73 9.39
CA THR A 236 -1.23 -1.32 9.57
C THR A 236 -1.60 -0.91 11.00
N LEU A 237 -2.85 -1.18 11.36
CA LEU A 237 -3.33 -0.81 12.70
C LEU A 237 -2.63 -1.57 13.78
N GLU A 238 -2.36 -2.85 13.61
CA GLU A 238 -1.66 -3.60 14.63
C GLU A 238 -0.25 -3.10 14.82
N LEU A 239 0.46 -2.83 13.73
CA LEU A 239 1.80 -2.29 13.84
C LEU A 239 1.79 -0.95 14.58
N MET A 240 0.86 -0.07 14.23
CA MET A 240 0.77 1.23 14.88
C MET A 240 0.45 1.14 16.34
N ASP A 241 -0.25 0.08 16.77
CA ASP A 241 -0.59 -0.10 18.18
C ASP A 241 0.51 -0.77 19.00
N ALA A 242 1.50 -1.38 18.38
CA ALA A 242 2.54 -2.10 19.10
C ALA A 242 3.34 -1.18 20.01
N PRO A 243 3.80 -1.66 21.18
CA PRO A 243 4.72 -0.86 21.95
C PRO A 243 6.03 -0.64 21.20
N LEU A 244 6.51 0.59 21.17
CA LEU A 244 7.73 0.90 20.44
C LEU A 244 8.89 0.00 20.77
N ASP A 245 9.08 -0.32 22.05
CA ASP A 245 10.24 -1.09 22.42
C ASP A 245 10.19 -2.53 21.93
N SER A 246 9.04 -3.00 21.47
CA SER A 246 8.94 -4.35 20.87
C SER A 246 9.46 -4.41 19.43
N LEU A 247 9.66 -3.26 18.82
CA LEU A 247 9.97 -3.21 17.38
C LEU A 247 11.45 -3.23 17.13
N ASN A 248 11.93 -4.18 16.34
CA ASN A 248 13.30 -4.19 15.88
C ASN A 248 13.53 -3.56 14.53
N TYR A 249 12.44 -3.25 13.83
CA TYR A 249 12.45 -2.53 12.58
C TYR A 249 11.42 -1.40 12.68
N HIS A 250 11.55 -0.41 11.81
CA HIS A 250 10.79 0.81 11.89
C HIS A 250 10.05 1.09 10.62
N SER A 251 10.70 1.59 9.58
CA SER A 251 10.04 2.03 8.34
C SER A 251 9.63 0.93 7.38
N ASN A 252 10.08 -0.31 7.59
CA ASN A 252 10.26 -1.23 6.47
C ASN A 252 10.07 -2.69 6.80
N TYR A 253 9.05 -3.00 7.58
CA TYR A 253 8.77 -4.42 7.81
C TYR A 253 8.39 -5.13 6.52
N ASN A 254 9.03 -6.26 6.25
CA ASN A 254 8.49 -7.22 5.33
C ASN A 254 7.15 -7.71 5.86
N LEU A 255 6.23 -8.00 4.94
CA LEU A 255 4.88 -8.48 5.31
C LEU A 255 4.35 -9.41 4.25
N SER A 256 3.88 -10.58 4.65
CA SER A 256 3.49 -11.63 3.71
C SER A 256 2.07 -12.12 3.96
N SER A 257 1.47 -12.58 2.87
CA SER A 257 0.28 -13.41 2.95
C SER A 257 0.32 -14.49 1.87
N MET A 258 0.13 -14.13 0.62
CA MET A 258 -0.05 -15.07 -0.50
C MET A 258 1.05 -14.83 -1.52
N SER A 259 1.24 -15.82 -2.37
CA SER A 259 2.04 -15.71 -3.57
C SER A 259 1.42 -16.62 -4.58
N PHE A 260 1.06 -16.11 -5.72
CA PHE A 260 0.42 -16.89 -6.77
C PHE A 260 0.69 -16.24 -8.10
N SER A 261 0.54 -17.07 -9.14
CA SER A 261 0.68 -16.57 -10.50
C SER A 261 -0.64 -16.09 -11.05
N ALA A 262 -0.60 -15.32 -12.13
CA ALA A 262 -1.81 -14.82 -12.75
C ALA A 262 -2.76 -15.96 -13.13
N GLU A 263 -2.23 -17.01 -13.76
CA GLU A 263 -3.12 -18.12 -14.12
C GLU A 263 -3.68 -18.85 -12.93
N GLU A 264 -2.95 -18.92 -11.83
CA GLU A 264 -3.50 -19.51 -10.62
C GLU A 264 -4.68 -18.71 -10.10
N LEU A 265 -4.61 -17.38 -10.21
CA LEU A 265 -5.74 -16.55 -9.82
C LEU A 265 -6.92 -16.77 -10.77
N GLU A 266 -6.63 -16.84 -12.08
CA GLU A 266 -7.67 -17.14 -13.07
C GLU A 266 -8.40 -18.44 -12.68
N LYS A 267 -7.64 -19.46 -12.33
CA LYS A 267 -8.23 -20.76 -11.98
C LYS A 267 -9.11 -20.62 -10.75
N GLU A 268 -8.65 -19.90 -9.74
CA GLU A 268 -9.46 -19.70 -8.57
C GLU A 268 -10.74 -18.98 -8.89
N ILE A 269 -10.67 -17.90 -9.65
CA ILE A 269 -11.86 -17.17 -10.05
C ILE A 269 -12.84 -18.03 -10.86
N SER A 270 -12.29 -18.85 -11.75
CA SER A 270 -13.10 -19.73 -12.63
C SER A 270 -13.86 -20.78 -11.86
N ALA A 271 -13.47 -21.06 -10.63
CA ALA A 271 -14.22 -21.99 -9.79
C ALA A 271 -15.54 -21.37 -9.29
N HIS A 272 -15.69 -20.06 -9.46
CA HIS A 272 -16.93 -19.33 -9.13
C HIS A 272 -17.72 -18.78 -10.29
N VAL A 273 -17.06 -18.22 -11.27
CA VAL A 273 -17.74 -17.64 -12.40
C VAL A 273 -17.10 -18.08 -13.69
N ASP A 274 -17.90 -18.17 -14.73
CA ASP A 274 -17.40 -18.48 -16.05
C ASP A 274 -16.56 -17.31 -16.48
N PHE A 275 -15.25 -17.53 -16.67
CA PHE A 275 -14.49 -16.56 -17.45
C PHE A 275 -13.25 -17.19 -18.04
N ASN A 276 -12.81 -16.41 -18.98
CA ASN A 276 -11.66 -16.73 -19.77
C ASN A 276 -10.81 -15.49 -19.91
N CYS A 277 -9.56 -15.74 -19.65
CA CYS A 277 -8.59 -14.73 -19.54
C CYS A 277 -7.70 -14.83 -20.76
N LEU A 278 -7.35 -13.70 -21.33
CA LEU A 278 -6.33 -13.63 -22.38
C LEU A 278 -5.13 -12.85 -21.85
N TYR A 279 -3.92 -13.24 -22.21
CA TYR A 279 -2.72 -12.67 -21.66
C TYR A 279 -2.00 -11.88 -22.75
N LYS A 280 -1.90 -10.57 -22.56
CA LYS A 280 -1.37 -9.60 -23.53
C LYS A 280 -0.43 -8.63 -22.81
N PRO A 281 0.80 -9.05 -22.53
CA PRO A 281 1.64 -8.25 -21.66
C PRO A 281 1.95 -6.89 -22.23
N ASP A 282 2.21 -5.94 -21.34
CA ASP A 282 2.70 -4.63 -21.75
C ASP A 282 3.94 -4.28 -20.96
N TYR A 283 4.31 -3.00 -20.95
CA TYR A 283 5.50 -2.54 -20.24
C TYR A 283 5.54 -2.90 -18.76
N ARG A 284 4.38 -3.14 -18.17
CA ARG A 284 4.35 -3.47 -16.75
C ARG A 284 4.92 -4.84 -16.45
N GLN A 285 4.98 -5.71 -17.48
CA GLN A 285 5.75 -6.97 -17.33
C GLN A 285 7.17 -6.73 -16.94
N ASP A 286 7.81 -5.73 -17.52
CA ASP A 286 9.23 -5.47 -17.28
C ASP A 286 9.44 -4.99 -15.85
N ILE A 287 8.42 -4.41 -15.24
CA ILE A 287 8.44 -4.03 -13.84
C ILE A 287 8.29 -5.25 -12.96
N ALA A 288 7.23 -6.01 -13.19
CA ALA A 288 6.94 -7.17 -12.39
C ALA A 288 8.04 -8.21 -12.38
N ASP A 289 8.66 -8.39 -13.54
CA ASP A 289 9.72 -9.38 -13.69
C ASP A 289 10.87 -9.15 -12.72
N THR A 290 11.06 -7.92 -12.26
CA THR A 290 12.20 -7.56 -11.43
C THR A 290 11.89 -7.72 -9.94
N TRP A 291 10.68 -8.16 -9.60
CA TRP A 291 10.28 -8.25 -8.19
C TRP A 291 10.29 -9.69 -7.71
N PRO A 292 10.37 -9.89 -6.37
CA PRO A 292 10.34 -11.23 -5.83
C PRO A 292 9.01 -11.92 -6.05
N ILE A 293 9.01 -13.21 -5.80
CA ILE A 293 7.82 -14.01 -5.75
C ILE A 293 7.18 -14.10 -4.39
N SER A 294 7.98 -14.05 -3.35
CA SER A 294 7.45 -14.22 -2.01
C SER A 294 8.45 -13.61 -1.03
N ILE A 295 7.98 -13.44 0.21
CA ILE A 295 8.63 -12.56 1.17
C ILE A 295 8.73 -13.28 2.53
N ASN A 296 9.91 -13.22 3.16
CA ASN A 296 10.07 -13.67 4.56
C ASN A 296 9.77 -12.54 5.51
N ASP A 297 8.64 -12.64 6.19
CA ASP A 297 8.14 -11.66 7.14
C ASP A 297 8.24 -12.15 8.58
N ASP A 298 9.25 -12.94 8.87
CA ASP A 298 9.41 -13.40 10.26
C ASP A 298 9.48 -12.29 11.25
N ASP A 299 10.18 -11.20 10.94
CA ASP A 299 10.29 -10.14 11.95
C ASP A 299 8.98 -9.53 12.33
N ALA A 300 8.06 -9.33 11.39
CA ALA A 300 6.73 -8.84 11.73
C ALA A 300 6.00 -9.85 12.60
N ARG A 301 6.07 -11.12 12.20
CA ARG A 301 5.41 -12.18 12.95
C ARG A 301 5.97 -12.29 14.37
N LYS A 302 7.27 -12.12 14.55
CA LYS A 302 7.94 -12.21 15.84
C LYS A 302 7.70 -10.97 16.70
N ASP A 303 7.92 -9.79 16.12
CA ASP A 303 7.99 -8.56 16.91
C ASP A 303 6.64 -8.09 17.33
N TRP A 304 5.62 -8.16 16.46
CA TRP A 304 4.34 -7.59 16.72
C TRP A 304 3.17 -8.47 16.38
N GLY A 305 3.43 -9.77 16.23
CA GLY A 305 2.38 -10.73 16.21
C GLY A 305 1.57 -10.84 14.95
N TRP A 306 2.17 -10.45 13.83
CA TRP A 306 1.47 -10.54 12.56
C TRP A 306 1.11 -11.94 12.21
N GLU A 307 -0.13 -12.15 11.75
CA GLU A 307 -0.54 -13.36 11.03
C GLU A 307 -1.61 -12.94 10.04
N PRO A 308 -1.52 -13.32 8.78
CA PRO A 308 -2.58 -13.04 7.84
C PRO A 308 -3.79 -13.94 8.06
N LYS A 309 -4.95 -13.47 7.67
CA LYS A 309 -6.18 -14.26 7.81
C LYS A 309 -6.85 -14.64 6.51
N PHE A 310 -6.50 -14.02 5.39
CA PHE A 310 -7.14 -14.29 4.12
C PHE A 310 -6.24 -15.02 3.16
N ASP A 311 -6.57 -16.25 2.88
CA ASP A 311 -5.93 -16.98 1.80
C ASP A 311 -6.64 -16.71 0.46
N ILE A 312 -6.23 -17.37 -0.61
CA ILE A 312 -6.77 -17.05 -1.90
C ILE A 312 -8.24 -17.38 -2.02
N SER A 313 -8.64 -18.48 -1.35
N SER A 313 -8.68 -18.46 -1.40
CA SER A 313 -10.02 -18.93 -1.37
CA SER A 313 -10.08 -18.80 -1.55
C SER A 313 -10.93 -17.91 -0.72
C SER A 313 -10.99 -17.90 -0.70
N LYS A 314 -10.58 -17.55 0.51
CA LYS A 314 -11.37 -16.60 1.31
C LYS A 314 -11.40 -15.20 0.64
N MET A 315 -10.25 -14.75 0.11
CA MET A 315 -10.27 -13.49 -0.60
C MET A 315 -11.21 -13.53 -1.83
N THR A 316 -11.13 -14.64 -2.55
CA THR A 316 -11.95 -14.78 -3.75
C THR A 316 -13.45 -14.73 -3.40
N GLU A 317 -13.84 -15.41 -2.34
CA GLU A 317 -15.25 -15.38 -1.91
C GLU A 317 -15.66 -13.94 -1.65
N GLU A 318 -14.84 -13.18 -0.94
CA GLU A 318 -15.21 -11.80 -0.59
C GLU A 318 -15.26 -10.93 -1.83
N MET A 319 -14.29 -11.07 -2.73
CA MET A 319 -14.28 -10.27 -3.93
C MET A 319 -15.51 -10.53 -4.76
N ILE A 320 -15.75 -11.80 -5.04
CA ILE A 320 -16.83 -12.17 -5.94
C ILE A 320 -18.19 -11.79 -5.36
N THR A 321 -18.41 -12.00 -4.08
CA THR A 321 -19.72 -11.68 -3.50
C THR A 321 -20.00 -10.22 -3.61
N ASN A 322 -19.03 -9.37 -3.28
CA ASN A 322 -19.22 -7.95 -3.37
C ASN A 322 -19.31 -7.40 -4.78
N LEU A 323 -18.52 -7.95 -5.70
CA LEU A 323 -18.60 -7.53 -7.08
C LEU A 323 -19.92 -7.97 -7.73
N ARG A 324 -20.39 -9.15 -7.40
CA ARG A 324 -21.70 -9.62 -7.93
C ARG A 324 -22.77 -8.65 -7.48
N ARG A 325 -22.72 -8.24 -6.22
CA ARG A 325 -23.69 -7.32 -5.66
C ARG A 325 -23.64 -6.03 -6.43
N LEU A 326 -22.44 -5.53 -6.69
CA LEU A 326 -22.25 -4.28 -7.37
C LEU A 326 -22.67 -4.29 -8.82
N ASN A 327 -22.79 -5.49 -9.38
CA ASN A 327 -23.21 -5.70 -10.77
C ASN A 327 -24.66 -6.12 -10.90
N GLU A 328 -25.41 -6.12 -9.80
CA GLU A 328 -26.84 -6.40 -9.90
C GLU A 328 -27.57 -5.30 -10.67
#